data_6Q8S
#
_entry.id   6Q8S
#
_cell.length_a   49.839
_cell.length_b   58.215
_cell.length_c   74.256
_cell.angle_alpha   90.00
_cell.angle_beta   90.00
_cell.angle_gamma   90.00
#
_symmetry.space_group_name_H-M   'P 21 21 21'
#
loop_
_entity.id
_entity.type
_entity.pdbx_description
1 polymer 'Chymotrypsin-like elastase family member 1'
2 non-polymer 'SODIUM ION'
3 non-polymer 'SULFATE ION'
4 non-polymer ARGON
5 water water
#
_entity_poly.entity_id   1
_entity_poly.type   'polypeptide(L)'
_entity_poly.pdbx_seq_one_letter_code
;VVGGTEAQRNSWPSQISLQYRSGSSWAHTCGGTLIRQNWVMTAAHCVDRELTFRVVVGEHNLNQNDGTEQYVGVQKIVVH
PYWNTDDVAAGYDIALLRLAQSVTLNSYVQLGVLPRAGTILANNSPCYITGWGLTRTNGQLAQTLQQAYLPTVDYAICSS
SSYWGSTVKNSMVCAGGDGVRSGCQGDSGGPLHCLVNGQYAVHGVTSFVSRLGCNVTRKPTVFTRVSAYISWINNVIASN
;
_entity_poly.pdbx_strand_id   A
#
# COMPACT_ATOMS: atom_id res chain seq x y z
N VAL A 1 9.86 4.58 1.38
CA VAL A 1 10.35 3.55 2.37
C VAL A 1 11.69 4.06 2.94
N VAL A 2 11.73 4.23 4.25
CA VAL A 2 12.96 4.62 4.95
C VAL A 2 13.66 3.34 5.40
N GLY A 3 14.98 3.27 5.17
CA GLY A 3 15.80 2.15 5.60
C GLY A 3 15.53 0.87 4.83
N GLY A 4 15.13 1.05 3.56
CA GLY A 4 14.85 -0.04 2.64
C GLY A 4 16.07 -0.44 1.84
N THR A 5 15.89 -1.48 1.03
CA THR A 5 16.82 -1.92 0.02
C THR A 5 16.09 -1.97 -1.32
N GLU A 6 16.83 -1.87 -2.43
CA GLU A 6 16.17 -1.98 -3.75
C GLU A 6 15.62 -3.41 -3.92
N ALA A 7 14.34 -3.49 -4.25
CA ALA A 7 13.69 -4.73 -4.55
C ALA A 7 14.29 -5.29 -5.85
N GLN A 8 14.35 -6.64 -5.95
CA GLN A 8 14.64 -7.17 -7.29
CA GLN A 8 14.60 -7.31 -7.22
C GLN A 8 13.38 -7.05 -8.14
N ARG A 9 13.60 -6.89 -9.45
CA ARG A 9 12.62 -6.54 -10.46
C ARG A 9 11.34 -7.41 -10.41
N ASN A 10 11.46 -8.69 -10.06
CA ASN A 10 10.31 -9.61 -10.14
C ASN A 10 9.83 -10.08 -8.76
N SER A 11 10.18 -9.38 -7.68
CA SER A 11 9.81 -9.86 -6.34
C SER A 11 8.33 -9.60 -6.02
N TRP A 12 7.86 -8.42 -6.42
CA TRP A 12 6.55 -7.91 -5.99
C TRP A 12 5.75 -7.45 -7.20
N PRO A 13 5.35 -8.43 -8.04
CA PRO A 13 4.76 -8.11 -9.33
C PRO A 13 3.33 -7.56 -9.21
N SER A 14 2.73 -7.58 -7.99
CA SER A 14 1.40 -6.98 -7.79
C SER A 14 1.48 -5.48 -7.42
N GLN A 15 2.68 -4.97 -7.16
CA GLN A 15 2.90 -3.55 -6.78
C GLN A 15 2.64 -2.65 -7.99
N ILE A 16 1.84 -1.60 -7.80
CA ILE A 16 1.64 -0.59 -8.83
C ILE A 16 2.05 0.79 -8.30
N SER A 17 2.31 1.72 -9.23
CA SER A 17 2.48 3.12 -8.98
C SER A 17 1.21 3.86 -9.42
N LEU A 18 0.60 4.55 -8.47
CA LEU A 18 -0.54 5.38 -8.76
C LEU A 18 -0.03 6.81 -8.95
N GLN A 19 -0.37 7.39 -10.13
CA GLN A 19 0.21 8.63 -10.61
C GLN A 19 -0.92 9.59 -10.96
N TYR A 20 -0.64 10.89 -10.80
CA TYR A 20 -1.59 11.93 -11.18
C TYR A 20 -0.96 12.82 -12.24
N ARG A 21 -1.83 13.47 -13.01
CA ARG A 21 -1.44 14.38 -14.08
CA ARG A 21 -1.38 14.37 -14.07
C ARG A 21 -1.03 15.72 -13.43
N SER A 22 0.23 16.13 -13.62
CA SER A 22 0.79 17.39 -13.10
C SER A 22 1.54 18.08 -14.25
N GLY A 23 1.11 19.33 -14.55
CA GLY A 23 1.34 19.92 -15.87
C GLY A 23 0.64 19.12 -16.94
N SER A 24 1.43 18.59 -17.89
CA SER A 24 0.97 17.58 -18.84
C SER A 24 1.74 16.27 -18.63
N SER A 25 2.46 16.18 -17.51
CA SER A 25 3.24 15.01 -17.16
C SER A 25 2.60 14.29 -15.97
N TRP A 26 3.17 13.15 -15.59
CA TRP A 26 2.60 12.29 -14.56
C TRP A 26 3.60 12.20 -13.40
N ALA A 27 3.08 12.24 -12.18
CA ALA A 27 3.88 12.17 -11.00
C ALA A 27 3.35 11.03 -10.13
N HIS A 28 4.27 10.22 -9.60
CA HIS A 28 3.88 9.26 -8.59
C HIS A 28 3.29 9.97 -7.37
N THR A 29 2.18 9.44 -6.86
CA THR A 29 1.64 9.89 -5.56
C THR A 29 1.50 8.78 -4.51
N CYS A 30 1.18 7.54 -4.91
CA CYS A 30 0.80 6.45 -3.97
C CYS A 30 1.13 5.10 -4.60
N GLY A 31 1.16 4.07 -3.77
CA GLY A 31 1.19 2.73 -4.28
C GLY A 31 -0.21 2.15 -4.33
N GLY A 32 -0.25 0.90 -4.77
CA GLY A 32 -1.42 0.09 -4.84
C GLY A 32 -1.02 -1.33 -5.15
N THR A 33 -2.01 -2.23 -5.06
CA THR A 33 -1.90 -3.64 -5.35
C THR A 33 -2.90 -3.97 -6.47
N LEU A 34 -2.42 -4.62 -7.52
CA LEU A 34 -3.25 -5.19 -8.56
C LEU A 34 -3.97 -6.42 -8.00
N ILE A 35 -5.31 -6.38 -8.01
CA ILE A 35 -6.05 -7.51 -7.48
C ILE A 35 -6.94 -8.20 -8.52
N ARG A 36 -7.24 -7.52 -9.63
CA ARG A 36 -7.81 -8.13 -10.87
C ARG A 36 -7.05 -7.54 -12.04
N GLN A 37 -7.19 -8.12 -13.25
CA GLN A 37 -6.50 -7.51 -14.39
C GLN A 37 -7.03 -6.09 -14.65
N ASN A 38 -8.21 -5.73 -14.13
CA ASN A 38 -8.70 -4.34 -14.29
C ASN A 38 -9.10 -3.71 -12.96
N TRP A 39 -8.57 -4.20 -11.82
CA TRP A 39 -8.86 -3.57 -10.53
C TRP A 39 -7.58 -3.47 -9.67
N VAL A 40 -7.43 -2.30 -9.05
CA VAL A 40 -6.34 -2.01 -8.11
C VAL A 40 -6.96 -1.62 -6.76
N MET A 41 -6.32 -2.10 -5.69
CA MET A 41 -6.59 -1.74 -4.31
C MET A 41 -5.55 -0.72 -3.85
N THR A 42 -6.04 0.39 -3.28
CA THR A 42 -5.19 1.44 -2.75
C THR A 42 -5.84 2.04 -1.48
N ALA A 43 -5.27 3.13 -0.95
CA ALA A 43 -5.79 3.82 0.21
C ALA A 43 -6.81 4.86 -0.28
N ALA A 44 -7.90 4.96 0.47
CA ALA A 44 -8.92 5.99 0.20
C ALA A 44 -8.29 7.38 0.14
N HIS A 45 -7.38 7.66 1.07
CA HIS A 45 -6.79 9.00 1.23
C HIS A 45 -5.96 9.39 0.01
N CYS A 46 -5.50 8.40 -0.78
CA CYS A 46 -4.72 8.63 -2.00
C CYS A 46 -5.57 9.27 -3.10
N VAL A 47 -6.90 9.08 -3.06
CA VAL A 47 -7.73 9.48 -4.16
C VAL A 47 -8.81 10.47 -3.67
N ASP A 48 -8.52 11.16 -2.55
CA ASP A 48 -9.35 12.34 -2.05
C ASP A 48 -9.27 13.52 -3.06
N ARG A 49 -8.07 13.81 -3.59
CA ARG A 49 -7.94 14.93 -4.53
C ARG A 49 -8.66 14.56 -5.85
N GLU A 50 -9.40 15.56 -6.35
CA GLU A 50 -10.19 15.50 -7.59
C GLU A 50 -9.27 15.47 -8.82
N LEU A 51 -8.35 14.50 -8.89
CA LEU A 51 -7.27 14.50 -9.87
C LEU A 51 -7.52 13.45 -10.96
N THR A 52 -6.79 13.59 -12.06
CA THR A 52 -6.71 12.55 -13.07
C THR A 52 -5.65 11.55 -12.60
N PHE A 53 -5.99 10.26 -12.61
CA PHE A 53 -5.06 9.23 -12.12
C PHE A 53 -4.77 8.23 -13.24
N ARG A 54 -3.55 7.68 -13.20
CA ARG A 54 -3.22 6.52 -14.00
C ARG A 54 -2.52 5.55 -13.08
N VAL A 55 -2.52 4.29 -13.54
CA VAL A 55 -1.80 3.23 -12.87
C VAL A 55 -0.69 2.75 -13.79
N VAL A 56 0.47 2.45 -13.19
CA VAL A 56 1.55 1.77 -13.92
C VAL A 56 1.80 0.42 -13.25
N VAL A 57 1.65 -0.64 -14.03
CA VAL A 57 2.00 -1.98 -13.60
C VAL A 57 3.34 -2.32 -14.26
N GLY A 58 4.09 -3.28 -13.70
CA GLY A 58 5.39 -3.62 -14.28
C GLY A 58 6.40 -2.52 -14.16
N GLU A 59 6.21 -1.64 -13.17
CA GLU A 59 7.08 -0.49 -12.94
C GLU A 59 8.18 -0.88 -11.95
N HIS A 60 9.44 -0.47 -12.24
CA HIS A 60 10.52 -0.67 -11.30
C HIS A 60 11.20 0.68 -10.98
N ASN A 61 11.52 1.45 -12.02
CA ASN A 61 12.20 2.73 -11.88
C ASN A 61 11.26 3.84 -12.38
N LEU A 62 10.91 4.79 -11.53
CA LEU A 62 9.90 5.80 -11.90
C LEU A 62 10.41 6.74 -13.02
N ASN A 63 11.73 6.82 -13.21
CA ASN A 63 12.31 7.85 -14.08
C ASN A 63 13.16 7.22 -15.19
N GLN A 64 13.03 5.91 -15.45
CA GLN A 64 13.80 5.23 -16.52
C GLN A 64 12.91 4.17 -17.16
N ASN A 65 13.09 3.97 -18.45
CA ASN A 65 12.40 2.90 -19.15
C ASN A 65 12.91 1.54 -18.63
N ASP A 66 12.00 0.79 -18.04
CA ASP A 66 12.28 -0.57 -17.53
C ASP A 66 12.10 -1.60 -18.66
N GLY A 67 11.30 -1.29 -19.67
CA GLY A 67 10.93 -2.25 -20.73
C GLY A 67 9.82 -3.23 -20.36
N THR A 68 9.14 -3.01 -19.24
CA THR A 68 8.15 -3.94 -18.70
C THR A 68 6.84 -3.25 -18.30
N GLU A 69 6.79 -1.93 -18.40
CA GLU A 69 5.65 -1.14 -17.87
C GLU A 69 4.40 -1.28 -18.77
N GLN A 70 3.21 -1.25 -18.16
CA GLN A 70 1.98 -0.96 -18.88
C GLN A 70 1.31 0.20 -18.16
N TYR A 71 0.84 1.19 -18.93
CA TYR A 71 0.30 2.43 -18.39
C TYR A 71 -1.20 2.41 -18.69
N VAL A 72 -2.02 2.54 -17.65
CA VAL A 72 -3.46 2.37 -17.81
C VAL A 72 -4.19 3.46 -17.04
N GLY A 73 -5.19 4.06 -17.68
CA GLY A 73 -6.00 5.06 -17.01
C GLY A 73 -6.90 4.45 -15.94
N VAL A 74 -7.23 5.26 -14.94
CA VAL A 74 -8.27 4.93 -13.96
C VAL A 74 -9.61 5.43 -14.48
N GLN A 75 -10.55 4.50 -14.60
CA GLN A 75 -11.87 4.72 -15.20
C GLN A 75 -12.92 4.99 -14.11
N LYS A 76 -12.79 4.31 -12.95
CA LYS A 76 -13.75 4.45 -11.84
C LYS A 76 -13.03 4.31 -10.50
N ILE A 77 -13.49 5.09 -9.53
CA ILE A 77 -12.96 5.05 -8.21
C ILE A 77 -14.12 4.73 -7.27
N VAL A 78 -13.97 3.65 -6.51
CA VAL A 78 -14.91 3.33 -5.42
C VAL A 78 -14.20 3.44 -4.07
N VAL A 79 -14.48 4.53 -3.35
CA VAL A 79 -13.92 4.71 -2.00
C VAL A 79 -14.81 3.99 -0.99
N HIS A 80 -14.22 3.40 0.05
CA HIS A 80 -15.00 2.81 1.12
C HIS A 80 -16.02 3.82 1.63
N PRO A 81 -17.31 3.42 1.72
CA PRO A 81 -18.35 4.39 2.06
C PRO A 81 -18.25 4.99 3.46
N TYR A 82 -17.49 4.37 4.38
CA TYR A 82 -17.44 4.92 5.73
C TYR A 82 -16.18 5.74 5.93
N TRP A 83 -15.35 5.83 4.89
CA TRP A 83 -14.12 6.67 4.92
C TRP A 83 -14.46 8.15 5.20
N ASN A 84 -13.66 8.75 6.07
CA ASN A 84 -13.79 10.16 6.39
C ASN A 84 -12.41 10.79 6.28
N THR A 85 -12.22 11.72 5.34
CA THR A 85 -10.89 12.21 5.03
C THR A 85 -10.22 12.95 6.21
N ASP A 86 -11.01 13.52 7.11
CA ASP A 86 -10.48 14.28 8.23
C ASP A 86 -10.36 13.39 9.47
N ASP A 87 -10.49 12.06 9.29
CA ASP A 87 -10.43 11.10 10.37
C ASP A 87 -9.79 9.78 9.90
N VAL A 88 -8.49 9.81 9.58
CA VAL A 88 -7.76 8.57 9.17
C VAL A 88 -7.74 7.52 10.30
N ALA A 89 -7.72 8.00 11.56
CA ALA A 89 -7.66 7.14 12.72
C ALA A 89 -8.92 6.29 12.86
N ALA A 90 -10.02 6.70 12.21
CA ALA A 90 -11.28 5.94 12.24
C ALA A 90 -11.16 4.69 11.36
N GLY A 91 -10.19 4.69 10.44
CA GLY A 91 -9.99 3.55 9.55
C GLY A 91 -10.77 3.70 8.26
N TYR A 92 -11.05 2.56 7.60
CA TYR A 92 -11.73 2.51 6.31
C TYR A 92 -10.87 3.18 5.22
N ASP A 93 -9.54 3.22 5.42
CA ASP A 93 -8.63 3.84 4.45
C ASP A 93 -8.35 2.87 3.31
N ILE A 94 -9.33 2.70 2.43
CA ILE A 94 -9.23 1.72 1.35
C ILE A 94 -10.18 2.17 0.23
N ALA A 95 -9.73 1.97 -1.02
CA ALA A 95 -10.46 2.31 -2.23
C ALA A 95 -10.11 1.29 -3.30
N LEU A 96 -11.01 1.12 -4.25
CA LEU A 96 -10.77 0.28 -5.43
C LEU A 96 -10.85 1.15 -6.68
N LEU A 97 -9.93 0.89 -7.61
CA LEU A 97 -9.81 1.58 -8.86
C LEU A 97 -10.09 0.59 -9.97
N ARG A 98 -11.12 0.85 -10.81
CA ARG A 98 -11.31 0.07 -12.02
C ARG A 98 -10.50 0.69 -13.15
N LEU A 99 -9.67 -0.14 -13.79
CA LEU A 99 -8.76 0.33 -14.84
C LEU A 99 -9.53 0.36 -16.18
N ALA A 100 -9.08 1.22 -17.11
CA ALA A 100 -9.72 1.43 -18.45
C ALA A 100 -9.44 0.25 -19.40
N GLN A 101 -8.34 -0.45 -19.13
CA GLN A 101 -7.94 -1.63 -19.86
C GLN A 101 -7.69 -2.74 -18.83
N SER A 102 -7.74 -3.99 -19.28
CA SER A 102 -7.26 -5.12 -18.50
C SER A 102 -5.78 -5.34 -18.86
N VAL A 103 -4.92 -5.24 -17.86
CA VAL A 103 -3.47 -5.43 -18.04
C VAL A 103 -3.18 -6.88 -18.38
N THR A 104 -2.05 -7.08 -19.06
CA THR A 104 -1.53 -8.36 -19.41
C THR A 104 -0.63 -8.85 -18.26
N LEU A 105 -0.86 -10.10 -17.82
CA LEU A 105 -0.08 -10.71 -16.73
C LEU A 105 1.21 -11.37 -17.26
N ASN A 106 2.29 -11.18 -16.51
CA ASN A 106 3.61 -11.76 -16.82
C ASN A 106 4.44 -11.79 -15.54
N SER A 107 5.74 -12.02 -15.65
CA SER A 107 6.55 -12.14 -14.43
C SER A 107 6.66 -10.78 -13.71
N TYR A 108 6.38 -9.68 -14.41
CA TYR A 108 6.44 -8.36 -13.80
C TYR A 108 5.07 -7.88 -13.32
N VAL A 109 4.00 -8.59 -13.73
CA VAL A 109 2.61 -8.12 -13.54
C VAL A 109 1.76 -9.33 -13.14
N GLN A 110 1.38 -9.41 -11.85
CA GLN A 110 0.61 -10.51 -11.33
C GLN A 110 -0.42 -9.95 -10.33
N LEU A 111 -1.51 -10.69 -10.12
CA LEU A 111 -2.48 -10.30 -9.11
C LEU A 111 -1.88 -10.60 -7.73
N GLY A 112 -2.11 -9.67 -6.80
CA GLY A 112 -1.77 -9.87 -5.43
C GLY A 112 -2.75 -10.81 -4.77
N VAL A 113 -2.24 -11.72 -3.96
CA VAL A 113 -3.09 -12.62 -3.26
C VAL A 113 -3.45 -12.00 -1.91
N LEU A 114 -4.73 -12.08 -1.52
CA LEU A 114 -5.18 -11.48 -0.27
C LEU A 114 -5.35 -12.59 0.76
N PRO A 115 -5.27 -12.26 2.06
CA PRO A 115 -5.46 -13.27 3.09
C PRO A 115 -6.94 -13.66 3.16
N ARG A 116 -7.18 -14.83 3.76
CA ARG A 116 -8.54 -15.25 4.07
CA ARG A 116 -8.51 -15.29 4.13
C ARG A 116 -9.14 -14.26 5.06
N ALA A 117 -10.43 -14.00 4.90
CA ALA A 117 -11.17 -13.04 5.71
C ALA A 117 -10.99 -13.36 7.20
N GLY A 118 -10.75 -12.31 7.98
CA GLY A 118 -10.61 -12.39 9.46
C GLY A 118 -9.20 -12.74 9.94
N THR A 119 -8.25 -13.03 9.03
CA THR A 119 -6.91 -13.50 9.42
C THR A 119 -6.19 -12.37 10.16
N ILE A 120 -5.70 -12.66 11.37
CA ILE A 120 -4.86 -11.72 12.18
C ILE A 120 -3.51 -12.40 12.40
N LEU A 121 -2.42 -11.68 12.07
CA LEU A 121 -1.09 -12.21 12.23
C LEU A 121 -0.65 -12.11 13.69
N ALA A 122 0.07 -13.15 14.14
CA ALA A 122 0.66 -13.13 15.46
C ALA A 122 1.66 -11.97 15.51
N ASN A 123 1.83 -11.42 16.71
CA ASN A 123 2.88 -10.46 17.01
C ASN A 123 4.20 -10.94 16.40
N ASN A 124 4.95 -9.97 15.83
CA ASN A 124 6.29 -10.15 15.29
C ASN A 124 6.31 -11.05 14.05
N SER A 125 5.19 -11.14 13.34
CA SER A 125 5.12 -11.91 12.10
C SER A 125 5.91 -11.14 11.05
N PRO A 126 6.75 -11.82 10.24
CA PRO A 126 7.65 -11.14 9.32
C PRO A 126 6.91 -10.67 8.04
N CYS A 127 7.16 -9.42 7.66
CA CYS A 127 6.49 -8.74 6.51
C CYS A 127 7.50 -7.80 5.86
N TYR A 128 7.25 -7.49 4.58
CA TYR A 128 7.94 -6.46 3.85
C TYR A 128 6.92 -5.40 3.47
N ILE A 129 7.28 -4.14 3.65
CA ILE A 129 6.61 -3.03 2.94
C ILE A 129 7.35 -2.75 1.65
N THR A 130 6.61 -2.41 0.59
CA THR A 130 7.28 -2.00 -0.64
C THR A 130 6.71 -0.66 -1.12
N GLY A 131 7.54 0.10 -1.83
CA GLY A 131 7.07 1.30 -2.50
C GLY A 131 8.17 2.24 -2.93
N TRP A 132 7.74 3.35 -3.55
CA TRP A 132 8.64 4.39 -4.04
C TRP A 132 8.61 5.65 -3.15
N GLY A 133 7.98 5.53 -1.99
CA GLY A 133 7.84 6.68 -1.06
C GLY A 133 9.18 7.26 -0.62
N LEU A 134 9.10 8.35 0.15
CA LEU A 134 10.28 9.05 0.64
C LEU A 134 11.25 8.06 1.30
N THR A 135 12.56 8.32 1.10
CA THR A 135 13.57 7.46 1.69
C THR A 135 14.10 8.04 3.00
N ARG A 136 13.64 9.24 3.36
CA ARG A 136 13.92 9.86 4.65
C ARG A 136 12.75 10.78 4.97
N THR A 137 12.37 10.90 6.29
CA THR A 137 11.39 11.89 6.65
C THR A 137 11.74 13.21 5.95
N ASN A 138 10.75 13.84 5.32
CA ASN A 138 10.89 15.12 4.63
C ASN A 138 11.95 15.02 3.52
N GLY A 139 12.13 13.82 2.97
CA GLY A 139 13.07 13.54 1.90
C GLY A 139 12.42 13.57 0.53
N GLN A 140 12.89 12.68 -0.34
CA GLN A 140 12.49 12.59 -1.75
C GLN A 140 12.05 11.14 -2.03
N LEU A 141 11.17 11.00 -3.01
CA LEU A 141 10.75 9.69 -3.50
C LEU A 141 11.98 8.89 -3.95
N ALA A 142 11.92 7.57 -3.75
CA ALA A 142 12.86 6.64 -4.33
C ALA A 142 12.72 6.69 -5.87
N GLN A 143 13.83 6.44 -6.57
CA GLN A 143 13.76 6.15 -8.03
C GLN A 143 13.32 4.70 -8.27
N THR A 144 13.89 3.76 -7.54
CA THR A 144 13.64 2.33 -7.74
C THR A 144 12.83 1.78 -6.57
N LEU A 145 12.02 0.75 -6.86
CA LEU A 145 11.11 0.19 -5.87
C LEU A 145 11.94 -0.28 -4.69
N GLN A 146 11.55 0.13 -3.48
CA GLN A 146 12.24 -0.25 -2.26
C GLN A 146 11.39 -1.28 -1.49
N GLN A 147 12.08 -2.06 -0.65
CA GLN A 147 11.44 -2.95 0.30
C GLN A 147 12.11 -2.73 1.66
N ALA A 148 11.32 -2.91 2.73
CA ALA A 148 11.90 -2.93 4.06
C ALA A 148 11.22 -4.02 4.88
N TYR A 149 12.01 -4.66 5.72
CA TYR A 149 11.52 -5.76 6.59
C TYR A 149 10.86 -5.12 7.79
N LEU A 150 9.56 -5.33 7.91
CA LEU A 150 8.76 -4.71 8.97
C LEU A 150 7.92 -5.77 9.69
N PRO A 151 8.34 -6.26 10.87
CA PRO A 151 7.55 -7.25 11.60
C PRO A 151 6.29 -6.62 12.18
N THR A 152 5.22 -7.41 12.25
CA THR A 152 3.98 -6.93 12.82
C THR A 152 4.14 -6.65 14.32
N VAL A 153 3.33 -5.70 14.75
CA VAL A 153 3.10 -5.34 16.14
C VAL A 153 1.62 -5.53 16.38
N ASP A 154 1.27 -6.45 17.29
CA ASP A 154 -0.13 -6.84 17.41
C ASP A 154 -0.91 -5.69 18.05
N TYR A 155 -2.24 -5.79 17.97
CA TYR A 155 -3.12 -4.76 18.43
C TYR A 155 -2.83 -4.41 19.90
N ALA A 156 -2.65 -5.42 20.74
CA ALA A 156 -2.48 -5.19 22.19
C ALA A 156 -1.28 -4.25 22.44
N ILE A 157 -0.17 -4.48 21.73
CA ILE A 157 1.03 -3.67 21.88
C ILE A 157 0.84 -2.32 21.16
N CYS A 158 0.34 -2.38 19.92
CA CYS A 158 0.23 -1.20 19.05
C CYS A 158 -0.69 -0.15 19.68
N SER A 159 -1.70 -0.62 20.41
CA SER A 159 -2.69 0.26 21.00
C SER A 159 -2.31 0.69 22.41
N SER A 160 -1.15 0.23 22.91
CA SER A 160 -0.56 0.63 24.20
C SER A 160 -0.07 2.09 24.15
N SER A 161 0.09 2.72 25.31
CA SER A 161 0.19 4.16 25.32
C SER A 161 1.52 4.63 24.71
N SER A 162 2.58 3.85 24.87
CA SER A 162 3.87 4.20 24.34
C SER A 162 3.92 4.01 22.81
N TYR A 163 2.98 3.22 22.26
CA TYR A 163 2.84 3.09 20.77
C TYR A 163 1.79 4.09 20.28
N TRP A 164 0.68 3.62 19.69
CA TRP A 164 -0.25 4.47 18.98
C TRP A 164 -1.51 4.78 19.81
N GLY A 165 -1.67 4.16 20.96
CA GLY A 165 -2.81 4.47 21.82
C GLY A 165 -4.12 4.19 21.13
N SER A 166 -5.10 5.11 21.27
CA SER A 166 -6.45 4.93 20.74
C SER A 166 -6.52 5.15 19.22
N THR A 167 -5.43 5.64 18.64
CA THR A 167 -5.35 5.97 17.23
C THR A 167 -5.56 4.70 16.37
N VAL A 168 -4.98 3.60 16.79
CA VAL A 168 -5.04 2.33 16.01
C VAL A 168 -6.33 1.57 16.33
N LYS A 169 -6.85 0.87 15.33
CA LYS A 169 -8.08 0.09 15.44
C LYS A 169 -7.76 -1.37 15.09
N ASN A 170 -8.66 -2.29 15.46
CA ASN A 170 -8.51 -3.70 15.12
C ASN A 170 -8.62 -3.90 13.62
N SER A 171 -9.16 -2.91 12.89
CA SER A 171 -9.28 -2.90 11.45
C SER A 171 -7.95 -2.51 10.76
N MET A 172 -6.88 -2.37 11.53
CA MET A 172 -5.56 -1.97 11.01
C MET A 172 -4.49 -3.02 11.37
N VAL A 173 -3.38 -3.01 10.62
CA VAL A 173 -2.21 -3.74 10.93
C VAL A 173 -1.09 -2.75 11.22
N CYS A 174 -0.38 -2.93 12.32
CA CYS A 174 0.83 -2.21 12.60
C CYS A 174 2.06 -3.07 12.25
N ALA A 175 3.10 -2.45 11.70
CA ALA A 175 4.35 -3.18 11.45
C ALA A 175 5.54 -2.24 11.52
N GLY A 176 6.63 -2.74 12.10
CA GLY A 176 7.91 -2.03 12.22
C GLY A 176 8.00 -1.30 13.55
N GLY A 177 8.24 0.02 13.49
CA GLY A 177 8.49 0.86 14.69
C GLY A 177 9.85 0.67 15.33
N ASP A 178 10.88 0.27 14.56
CA ASP A 178 12.24 0.07 15.11
C ASP A 178 13.05 1.38 15.12
N GLY A 179 12.51 2.45 14.49
CA GLY A 179 13.15 3.79 14.36
C GLY A 179 14.13 3.92 13.21
N VAL A 180 14.29 2.86 12.43
CA VAL A 180 15.26 2.82 11.35
C VAL A 180 14.51 2.65 10.03
N ARG A 181 13.55 1.71 10.03
CA ARG A 181 12.83 1.29 8.83
C ARG A 181 11.34 1.57 8.97
N SER A 182 10.71 2.02 7.88
CA SER A 182 9.29 2.41 7.92
C SER A 182 8.76 2.67 6.51
N GLY A 183 7.43 2.76 6.41
CA GLY A 183 6.83 3.46 5.28
C GLY A 183 7.00 4.95 5.45
N CYS A 184 6.73 5.68 4.37
CA CYS A 184 6.87 7.15 4.40
C CYS A 184 5.92 7.69 3.32
N GLN A 185 5.76 9.02 3.25
CA GLN A 185 4.85 9.58 2.28
C GLN A 185 5.19 9.09 0.87
N GLY A 186 4.15 8.76 0.11
CA GLY A 186 4.32 8.17 -1.21
C GLY A 186 4.26 6.64 -1.19
N ASP A 187 4.34 6.02 -0.01
CA ASP A 187 4.12 4.58 0.11
C ASP A 187 2.65 4.25 0.36
N SER A 188 1.87 5.23 0.86
CA SER A 188 0.42 5.06 1.08
C SER A 188 -0.24 4.31 -0.09
N GLY A 189 -1.17 3.44 0.27
CA GLY A 189 -1.97 2.70 -0.71
C GLY A 189 -1.30 1.40 -1.13
N GLY A 190 0.02 1.32 -0.95
CA GLY A 190 0.76 0.14 -1.36
C GLY A 190 0.63 -0.99 -0.34
N PRO A 191 1.23 -2.16 -0.68
CA PRO A 191 1.09 -3.36 0.12
C PRO A 191 2.04 -3.47 1.32
N LEU A 192 1.56 -4.21 2.33
CA LEU A 192 2.36 -4.96 3.24
C LEU A 192 2.24 -6.45 2.90
N HIS A 193 3.38 -7.06 2.56
CA HIS A 193 3.46 -8.45 2.15
C HIS A 193 3.93 -9.31 3.33
N CYS A 194 3.15 -10.33 3.70
CA CYS A 194 3.57 -11.15 4.81
C CYS A 194 3.53 -12.61 4.41
N LEU A 195 4.57 -13.34 4.78
CA LEU A 195 4.81 -14.69 4.37
C LEU A 195 4.13 -15.60 5.38
N VAL A 196 3.06 -16.30 4.92
CA VAL A 196 2.32 -17.27 5.72
C VAL A 196 2.19 -18.62 4.97
N ASN A 197 2.58 -19.70 5.67
CA ASN A 197 2.52 -21.06 5.11
C ASN A 197 3.22 -21.10 3.75
N GLY A 198 4.35 -20.39 3.67
CA GLY A 198 5.23 -20.44 2.56
C GLY A 198 4.91 -19.47 1.45
N GLN A 199 3.80 -18.70 1.52
CA GLN A 199 3.40 -17.84 0.40
C GLN A 199 3.13 -16.43 0.95
N TYR A 200 3.52 -15.43 0.18
CA TYR A 200 3.23 -14.06 0.57
C TYR A 200 1.76 -13.76 0.29
N ALA A 201 1.15 -12.96 1.16
CA ALA A 201 -0.13 -12.38 0.86
C ALA A 201 -0.09 -10.91 1.31
N VAL A 202 -0.94 -10.13 0.67
CA VAL A 202 -0.98 -8.70 0.93
C VAL A 202 -1.96 -8.46 2.08
N HIS A 203 -1.40 -8.29 3.28
CA HIS A 203 -2.17 -8.16 4.50
C HIS A 203 -2.51 -6.69 4.80
N GLY A 204 -1.78 -5.73 4.21
CA GLY A 204 -1.93 -4.31 4.55
C GLY A 204 -1.99 -3.42 3.33
N VAL A 205 -2.76 -2.33 3.45
CA VAL A 205 -2.72 -1.18 2.57
C VAL A 205 -2.14 -0.01 3.39
N THR A 206 -0.96 0.47 3.01
CA THR A 206 -0.25 1.50 3.79
C THR A 206 -1.16 2.72 3.99
N SER A 207 -1.35 3.14 5.24
CA SER A 207 -2.33 4.24 5.60
C SER A 207 -1.60 5.45 6.20
N PHE A 208 -0.83 5.27 7.30
CA PHE A 208 -0.25 6.44 7.93
C PHE A 208 0.99 6.13 8.78
N VAL A 209 1.75 7.20 9.05
CA VAL A 209 2.87 7.22 9.94
C VAL A 209 2.67 8.41 10.88
N SER A 210 3.57 8.50 11.83
CA SER A 210 3.51 9.58 12.84
C SER A 210 3.68 10.94 12.16
N ARG A 211 3.06 11.98 12.74
CA ARG A 211 3.24 13.39 12.32
C ARG A 211 4.68 13.87 12.65
N LEU A 212 5.35 13.21 13.59
CA LEU A 212 6.73 13.50 14.04
C LEU A 212 7.76 12.91 13.07
N GLY A 213 7.39 11.93 12.25
CA GLY A 213 8.43 11.36 11.37
C GLY A 213 8.02 9.98 10.90
N CYS A 214 8.60 9.55 9.79
CA CYS A 214 8.30 8.27 9.22
C CYS A 214 8.83 7.13 10.09
N ASN A 215 10.15 7.12 10.37
CA ASN A 215 10.81 6.08 11.12
C ASN A 215 10.97 6.54 12.57
N VAL A 216 9.92 6.37 13.37
CA VAL A 216 9.92 6.76 14.77
C VAL A 216 9.77 5.50 15.63
N THR A 217 10.68 5.33 16.61
CA THR A 217 10.63 4.19 17.44
C THR A 217 9.29 4.20 18.17
N ARG A 218 8.66 3.02 18.21
CA ARG A 218 7.36 2.78 18.83
C ARG A 218 6.27 3.58 18.12
N LYS A 219 6.52 4.00 16.87
CA LYS A 219 5.42 4.41 15.99
C LYS A 219 5.54 3.60 14.71
N PRO A 220 5.14 2.32 14.76
CA PRO A 220 5.16 1.50 13.55
C PRO A 220 4.26 2.10 12.48
N THR A 221 4.59 1.77 11.24
CA THR A 221 3.75 2.15 10.14
C THR A 221 2.39 1.47 10.30
N VAL A 222 1.33 2.18 9.95
CA VAL A 222 0.00 1.63 10.13
C VAL A 222 -0.64 1.39 8.78
N PHE A 223 -1.32 0.22 8.67
CA PHE A 223 -1.89 -0.25 7.44
C PHE A 223 -3.37 -0.59 7.64
N THR A 224 -4.19 -0.33 6.63
CA THR A 224 -5.54 -0.91 6.61
C THR A 224 -5.42 -2.46 6.57
N ARG A 225 -6.17 -3.17 7.43
CA ARG A 225 -6.10 -4.62 7.50
C ARG A 225 -6.96 -5.19 6.37
N VAL A 226 -6.30 -5.70 5.33
CA VAL A 226 -6.99 -6.19 4.13
C VAL A 226 -8.02 -7.28 4.49
N SER A 227 -7.67 -8.13 5.42
CA SER A 227 -8.54 -9.28 5.77
C SER A 227 -9.84 -8.83 6.47
N ALA A 228 -9.95 -7.54 6.82
CA ALA A 228 -11.19 -6.98 7.33
C ALA A 228 -12.18 -6.59 6.22
N TYR A 229 -11.74 -6.59 4.95
CA TYR A 229 -12.45 -5.93 3.85
C TYR A 229 -12.72 -6.91 2.69
N ILE A 230 -12.51 -8.22 2.89
CA ILE A 230 -12.66 -9.19 1.82
C ILE A 230 -14.07 -9.09 1.23
N SER A 231 -15.09 -9.06 2.09
CA SER A 231 -16.50 -9.01 1.61
C SER A 231 -16.74 -7.73 0.80
N TRP A 232 -16.31 -6.60 1.38
CA TRP A 232 -16.39 -5.30 0.74
C TRP A 232 -15.76 -5.32 -0.66
N ILE A 233 -14.52 -5.80 -0.76
CA ILE A 233 -13.81 -5.85 -2.03
C ILE A 233 -14.61 -6.67 -3.06
N ASN A 234 -14.98 -7.88 -2.67
CA ASN A 234 -15.68 -8.77 -3.62
C ASN A 234 -17.01 -8.14 -4.07
N ASN A 235 -17.71 -7.48 -3.13
CA ASN A 235 -18.99 -6.85 -3.37
C ASN A 235 -18.84 -5.71 -4.37
N VAL A 236 -17.79 -4.92 -4.22
CA VAL A 236 -17.55 -3.85 -5.14
C VAL A 236 -17.29 -4.42 -6.53
N ILE A 237 -16.44 -5.43 -6.62
CA ILE A 237 -16.00 -5.86 -7.93
C ILE A 237 -17.17 -6.55 -8.64
N ALA A 238 -17.98 -7.29 -7.89
CA ALA A 238 -19.11 -8.03 -8.46
C ALA A 238 -20.24 -7.09 -8.91
N SER A 239 -20.36 -5.88 -8.34
CA SER A 239 -21.40 -4.90 -8.76
C SER A 239 -20.86 -3.91 -9.83
N ASN A 240 -19.54 -3.88 -10.04
CA ASN A 240 -18.89 -2.87 -10.93
C ASN A 240 -18.34 -3.56 -12.18
#